data_1FBG
#
_entry.id   1FBG
#
_cell.length_a   132.000
_cell.length_b   132.000
_cell.length_c   67.400
_cell.angle_alpha   90.00
_cell.angle_beta   90.00
_cell.angle_gamma   120.00
#
_symmetry.space_group_name_H-M   'P 32 2 1'
#
loop_
_entity.id
_entity.type
_entity.pdbx_description
1 polymer 'FRUCTOSE 1,6-BISPHOSPHATASE'
2 non-polymer 'MANGANESE (II) ION'
3 non-polymer 2,5-anhydro-1,6-di-O-phosphono-D-mannitol
#
_entity_poly.entity_id   1
_entity_poly.type   'polypeptide(L)'
_entity_poly.pdbx_seq_one_letter_code
;TDQAAFDTNIVTLTRFVMEQGRKARGTGEMTQLLNSLCTAVKAISTAVRKAGIAHLYGIAGSTNVTGDQVKKLDVLSNDL
VINVLKSSFATCVLVTEEDKNAIIVEPEKRGKYVVCFDPLDGSSNIDCLVSIGTIFGIYRKNSTDEPSEKDALQPGRNLV
AAGYALYGSATMLVLAMVNGVNCFMLDPAIGEFILVDRNVKIKKKGSIYSINEGYAKEFDPAITEYIQRKKFPPDNSAPY
GARYVGSMVADVHRTLVYGGIFMYPANKKSPKGKLRLLYECNPMAYVMEKAGGLATTGKEAVLDIVPTDIHQRAPIILGS
PEDVTELLEIYQKHA
;
_entity_poly.pdbx_strand_id   A,B
#
# COMPACT_ATOMS: atom_id res chain seq x y z
N ASP A 7 -24.69 14.21 -2.48
CA ASP A 7 -25.80 13.53 -3.15
C ASP A 7 -26.99 13.52 -2.19
N THR A 8 -28.19 13.97 -2.57
CA THR A 8 -29.28 14.12 -1.60
C THR A 8 -29.78 12.85 -0.97
N ASN A 9 -29.77 11.72 -1.66
CA ASN A 9 -30.15 10.52 -0.95
C ASN A 9 -28.95 9.59 -0.87
N ILE A 10 -28.05 10.07 -0.02
CA ILE A 10 -26.83 9.35 0.27
C ILE A 10 -27.24 8.15 1.12
N VAL A 11 -26.96 6.95 0.64
CA VAL A 11 -27.17 5.79 1.47
C VAL A 11 -25.98 5.61 2.39
N THR A 12 -26.09 5.85 3.69
CA THR A 12 -24.94 5.66 4.54
C THR A 12 -24.76 4.24 5.01
N LEU A 13 -23.71 3.96 5.76
CA LEU A 13 -23.58 2.64 6.33
C LEU A 13 -24.70 2.47 7.31
N THR A 14 -24.81 3.44 8.20
CA THR A 14 -25.80 3.43 9.24
C THR A 14 -27.20 3.29 8.62
N ARG A 15 -27.56 4.03 7.55
CA ARG A 15 -28.85 3.84 6.87
C ARG A 15 -28.91 2.41 6.43
N PHE A 16 -27.93 1.95 5.70
CA PHE A 16 -27.89 0.59 5.24
C PHE A 16 -28.09 -0.42 6.35
N VAL A 17 -27.36 -0.36 7.46
CA VAL A 17 -27.41 -1.37 8.51
C VAL A 17 -28.82 -1.41 9.04
N MET A 18 -29.31 -0.24 9.44
CA MET A 18 -30.60 -0.06 10.07
C MET A 18 -31.74 -0.66 9.26
N GLU A 19 -31.68 -0.40 7.96
CA GLU A 19 -32.62 -1.01 7.06
C GLU A 19 -32.42 -2.52 7.08
N GLN A 20 -31.27 -3.18 6.99
CA GLN A 20 -31.31 -4.63 7.03
C GLN A 20 -31.64 -5.11 8.46
N GLY A 21 -31.49 -4.33 9.52
CA GLY A 21 -31.85 -4.75 10.88
C GLY A 21 -33.37 -4.74 11.14
N ARG A 22 -34.13 -3.85 10.49
CA ARG A 22 -35.59 -3.86 10.60
C ARG A 22 -36.20 -5.15 10.15
N LYS A 23 -35.53 -5.80 9.19
CA LYS A 23 -35.92 -7.08 8.65
C LYS A 23 -35.65 -8.23 9.62
N ALA A 24 -34.83 -8.06 10.66
CA ALA A 24 -34.60 -9.13 11.65
C ALA A 24 -35.61 -9.07 12.79
N ARG A 25 -36.23 -7.89 12.88
CA ARG A 25 -37.21 -7.48 13.87
C ARG A 25 -36.42 -7.59 15.16
N GLY A 26 -35.43 -6.70 15.21
CA GLY A 26 -34.45 -6.72 16.28
C GLY A 26 -34.50 -5.54 17.22
N THR A 27 -33.48 -5.46 18.08
CA THR A 27 -33.34 -4.45 19.13
C THR A 27 -32.71 -3.12 18.70
N GLY A 28 -32.11 -3.12 17.50
CA GLY A 28 -31.35 -1.98 17.00
C GLY A 28 -29.92 -1.95 17.53
N GLU A 29 -29.42 -2.97 18.24
CA GLU A 29 -28.07 -2.96 18.76
C GLU A 29 -27.03 -3.08 17.68
N MET A 30 -27.18 -3.86 16.59
CA MET A 30 -26.15 -4.04 15.55
C MET A 30 -25.78 -2.70 14.98
N THR A 31 -26.87 -1.97 14.79
CA THR A 31 -26.92 -0.62 14.32
C THR A 31 -26.23 0.29 15.33
N GLN A 32 -26.39 0.14 16.64
CA GLN A 32 -25.68 0.97 17.61
C GLN A 32 -24.20 0.61 17.59
N LEU A 33 -23.91 -0.68 17.48
CA LEU A 33 -22.58 -1.22 17.58
C LEU A 33 -21.76 -0.69 16.45
N LEU A 34 -22.25 -1.02 15.25
CA LEU A 34 -21.60 -0.62 14.04
C LEU A 34 -21.53 0.88 13.97
N ASN A 35 -22.57 1.57 14.46
CA ASN A 35 -22.50 3.02 14.40
C ASN A 35 -21.39 3.54 15.28
N SER A 36 -21.18 2.88 16.38
CA SER A 36 -20.14 3.33 17.25
C SER A 36 -18.83 2.96 16.64
N LEU A 37 -18.80 1.77 16.07
CA LEU A 37 -17.57 1.25 15.54
C LEU A 37 -17.01 2.26 14.58
N CYS A 38 -17.90 2.78 13.73
CA CYS A 38 -17.48 3.76 12.75
C CYS A 38 -16.82 4.95 13.42
N THR A 39 -17.28 5.46 14.56
CA THR A 39 -16.59 6.58 15.17
C THR A 39 -15.11 6.25 15.53
N ALA A 40 -14.80 5.02 15.93
CA ALA A 40 -13.42 4.68 16.18
C ALA A 40 -12.64 4.66 14.86
N VAL A 41 -13.24 4.12 13.80
CA VAL A 41 -12.62 4.12 12.48
C VAL A 41 -12.32 5.52 11.95
N LYS A 42 -13.18 6.53 12.04
CA LYS A 42 -12.88 7.85 11.48
C LYS A 42 -11.74 8.39 12.28
N ALA A 43 -11.87 8.40 13.60
CA ALA A 43 -10.85 8.99 14.45
C ALA A 43 -9.47 8.38 14.21
N ILE A 44 -9.41 7.06 14.00
CA ILE A 44 -8.15 6.41 13.73
C ILE A 44 -7.72 6.85 12.34
N SER A 45 -8.62 6.88 11.35
CA SER A 45 -8.23 7.20 9.99
C SER A 45 -7.62 8.57 9.94
N THR A 46 -8.10 9.46 10.76
CA THR A 46 -7.58 10.82 10.82
C THR A 46 -6.23 10.73 11.50
N ALA A 47 -6.16 9.96 12.59
CA ALA A 47 -4.94 9.86 13.35
C ALA A 47 -3.81 9.43 12.42
N VAL A 48 -4.09 8.52 11.48
CA VAL A 48 -3.05 8.06 10.61
C VAL A 48 -2.77 9.06 9.54
N ARG A 49 -3.73 9.71 8.89
CA ARG A 49 -3.41 10.67 7.85
C ARG A 49 -2.53 11.81 8.32
N LYS A 50 -2.30 12.09 9.61
CA LYS A 50 -1.27 13.05 10.00
C LYS A 50 -0.36 12.47 11.07
N ALA A 51 -0.26 11.15 11.17
CA ALA A 51 0.57 10.49 12.15
C ALA A 51 1.93 10.52 11.55
N GLY A 52 2.58 11.61 11.84
CA GLY A 52 3.88 11.84 11.28
C GLY A 52 4.22 13.30 11.48
N ILE A 53 3.20 14.18 11.56
CA ILE A 53 3.40 15.60 11.82
C ILE A 53 3.46 15.82 13.35
N ALA A 54 4.60 16.27 13.91
CA ALA A 54 4.80 16.53 15.34
C ALA A 54 6.02 17.46 15.51
N HIS A 55 5.82 18.63 15.86
N LYS A 72 2.57 2.04 19.55
CA LYS A 72 2.02 3.19 20.27
C LYS A 72 0.70 3.77 19.69
N LEU A 73 0.57 4.04 18.38
CA LEU A 73 -0.69 4.52 17.83
C LEU A 73 -1.77 3.55 18.24
N ASP A 74 -1.39 2.29 18.10
CA ASP A 74 -2.09 1.13 18.61
C ASP A 74 -2.82 1.30 19.91
N VAL A 75 -2.26 2.06 20.83
CA VAL A 75 -2.89 2.22 22.11
C VAL A 75 -3.99 3.25 22.01
N LEU A 76 -3.83 4.44 21.37
CA LEU A 76 -4.98 5.32 21.14
C LEU A 76 -6.05 4.46 20.51
N SER A 77 -5.75 3.84 19.35
CA SER A 77 -6.68 3.02 18.58
C SER A 77 -7.38 1.99 19.43
N ASN A 78 -6.68 1.32 20.37
CA ASN A 78 -7.30 0.30 21.20
C ASN A 78 -8.18 0.91 22.26
N ASP A 79 -7.69 1.98 22.87
CA ASP A 79 -8.50 2.58 23.90
C ASP A 79 -9.77 3.16 23.26
N LEU A 80 -9.61 3.65 22.04
CA LEU A 80 -10.68 4.21 21.25
C LEU A 80 -11.75 3.16 20.97
N VAL A 81 -11.37 2.04 20.37
CA VAL A 81 -12.37 1.03 20.08
C VAL A 81 -12.99 0.47 21.32
N ILE A 82 -12.30 0.37 22.47
CA ILE A 82 -13.00 -0.21 23.59
C ILE A 82 -14.10 0.69 24.00
N ASN A 83 -13.70 1.94 24.21
CA ASN A 83 -14.62 2.96 24.69
C ASN A 83 -15.79 3.20 23.81
N VAL A 84 -15.63 3.13 22.46
CA VAL A 84 -16.83 3.28 21.64
C VAL A 84 -17.71 2.07 21.93
N LEU A 85 -17.13 0.87 21.83
CA LEU A 85 -17.92 -0.32 22.01
C LEU A 85 -18.61 -0.42 23.37
N LYS A 86 -17.99 0.03 24.45
CA LYS A 86 -18.66 0.00 25.73
C LYS A 86 -19.89 0.91 25.64
N SER A 87 -19.68 2.13 25.21
CA SER A 87 -20.78 3.06 25.16
C SER A 87 -21.86 2.77 24.12
N SER A 88 -21.65 1.71 23.33
CA SER A 88 -22.63 1.37 22.33
C SER A 88 -23.87 0.83 23.01
N PHE A 89 -23.71 0.35 24.25
CA PHE A 89 -24.77 -0.33 24.98
C PHE A 89 -25.16 -1.59 24.23
N ALA A 90 -24.29 -2.12 23.35
CA ALA A 90 -24.58 -3.33 22.62
C ALA A 90 -23.58 -4.48 22.81
N THR A 91 -22.53 -4.34 23.61
CA THR A 91 -21.63 -5.46 23.74
C THR A 91 -21.58 -6.03 25.13
N CYS A 92 -20.78 -7.06 25.36
CA CYS A 92 -20.60 -7.59 26.69
C CYS A 92 -19.25 -8.26 26.81
N VAL A 93 -18.58 -8.64 25.74
CA VAL A 93 -17.25 -9.22 25.84
C VAL A 93 -16.53 -8.66 24.64
N LEU A 94 -15.32 -8.18 24.81
CA LEU A 94 -14.59 -7.58 23.72
C LEU A 94 -13.19 -8.22 23.78
N VAL A 95 -12.65 -8.84 22.74
CA VAL A 95 -11.35 -9.50 22.76
C VAL A 95 -10.42 -8.66 21.90
N THR A 96 -9.24 -8.24 22.38
CA THR A 96 -8.37 -7.47 21.50
C THR A 96 -7.05 -8.14 21.24
N GLU A 97 -6.33 -7.81 20.15
CA GLU A 97 -4.93 -8.18 19.83
C GLU A 97 -4.17 -7.73 21.08
N GLU A 98 -4.42 -6.45 21.39
CA GLU A 98 -3.66 -5.74 22.40
C GLU A 98 -3.97 -5.92 23.88
N ASP A 99 -4.71 -6.91 24.40
CA ASP A 99 -4.99 -6.98 25.84
C ASP A 99 -4.91 -8.43 26.27
N LYS A 100 -4.38 -8.71 27.46
CA LYS A 100 -4.20 -10.08 27.91
C LYS A 100 -5.52 -10.84 27.92
N ASN A 101 -6.41 -10.45 28.79
CA ASN A 101 -7.67 -11.15 28.90
C ASN A 101 -8.69 -10.41 28.07
N ALA A 102 -9.86 -11.02 28.01
CA ALA A 102 -11.02 -10.41 27.38
C ALA A 102 -11.51 -9.23 28.21
N ILE A 103 -12.43 -8.43 27.65
CA ILE A 103 -13.01 -7.34 28.38
C ILE A 103 -14.46 -7.67 28.59
N ILE A 104 -14.90 -7.64 29.85
CA ILE A 104 -16.29 -7.90 30.13
C ILE A 104 -16.84 -6.53 30.49
N VAL A 105 -17.96 -6.31 29.80
CA VAL A 105 -18.67 -5.05 29.86
C VAL A 105 -19.52 -4.88 31.12
N GLU A 106 -19.51 -3.66 31.65
CA GLU A 106 -20.24 -3.31 32.84
C GLU A 106 -21.73 -3.51 32.56
N PRO A 107 -22.55 -4.02 33.49
CA PRO A 107 -23.93 -4.41 33.30
C PRO A 107 -24.87 -3.33 32.87
N GLU A 108 -24.62 -2.16 33.45
CA GLU A 108 -25.39 -0.99 33.11
C GLU A 108 -25.24 -0.69 31.63
N LYS A 109 -24.10 -1.08 31.06
CA LYS A 109 -23.89 -0.88 29.64
C LYS A 109 -23.93 -2.14 28.78
N ARG A 110 -24.15 -3.35 29.31
CA ARG A 110 -24.09 -4.57 28.50
C ARG A 110 -25.15 -4.75 27.43
N GLY A 111 -24.86 -5.56 26.40
CA GLY A 111 -25.77 -5.88 25.30
C GLY A 111 -25.47 -7.29 24.80
N LYS A 112 -26.19 -7.78 23.78
CA LYS A 112 -25.97 -9.16 23.36
C LYS A 112 -24.79 -9.46 22.43
N TYR A 113 -23.84 -8.56 22.15
CA TYR A 113 -22.81 -8.91 21.20
C TYR A 113 -21.42 -8.95 21.75
N VAL A 114 -20.66 -9.79 21.08
CA VAL A 114 -19.26 -10.09 21.39
C VAL A 114 -18.39 -9.57 20.24
N VAL A 115 -17.35 -8.77 20.42
CA VAL A 115 -16.60 -8.36 19.26
C VAL A 115 -15.15 -8.70 19.48
N CYS A 116 -14.53 -9.50 18.61
CA CYS A 116 -13.09 -9.71 18.67
C CYS A 116 -12.56 -8.68 17.70
N PHE A 117 -11.50 -7.98 18.03
CA PHE A 117 -11.03 -7.04 17.06
C PHE A 117 -9.56 -6.87 17.26
N ASP A 118 -8.96 -6.48 16.15
CA ASP A 118 -7.61 -6.02 16.10
C ASP A 118 -7.80 -4.56 15.68
N PRO A 119 -7.40 -3.62 16.52
CA PRO A 119 -7.67 -2.24 16.28
C PRO A 119 -6.75 -1.83 15.15
N LEU A 120 -5.52 -2.32 15.14
CA LEU A 120 -4.58 -1.95 14.12
C LEU A 120 -3.61 -3.10 13.87
N ASP A 121 -3.91 -3.53 12.65
CA ASP A 121 -3.11 -4.53 12.03
C ASP A 121 -2.07 -3.85 11.13
N GLY A 122 -0.86 -4.23 11.00
CA GLY A 122 0.39 -4.12 10.48
C GLY A 122 0.92 -2.85 10.97
N SER A 123 0.75 -2.45 12.23
CA SER A 123 1.15 -1.13 12.73
C SER A 123 2.57 -0.68 12.46
N SER A 124 3.49 -1.62 12.58
CA SER A 124 4.89 -1.40 12.27
C SER A 124 5.11 -0.78 10.89
N ASN A 125 4.18 -1.05 9.97
CA ASN A 125 4.22 -0.58 8.60
C ASN A 125 3.59 0.80 8.36
N ILE A 126 3.09 1.50 9.37
CA ILE A 126 2.60 2.88 9.22
C ILE A 126 3.75 3.73 8.72
N ASP A 127 4.92 3.44 9.23
CA ASP A 127 6.17 4.18 9.00
C ASP A 127 6.54 4.37 7.53
N CYS A 128 6.24 3.30 6.81
CA CYS A 128 6.56 3.12 5.40
C CYS A 128 5.35 3.52 4.53
N LEU A 129 4.33 4.16 5.10
CA LEU A 129 3.05 4.55 4.48
C LEU A 129 2.28 3.48 3.72
N VAL A 130 2.35 2.33 4.38
CA VAL A 130 1.70 1.10 3.98
C VAL A 130 0.23 1.24 4.29
N SER A 131 -0.58 0.71 3.39
CA SER A 131 -2.01 0.70 3.55
C SER A 131 -2.20 -0.13 4.81
N ILE A 132 -2.91 0.26 5.89
CA ILE A 132 -3.13 -0.50 7.14
C ILE A 132 -4.61 -0.70 7.45
N GLY A 133 -5.07 -1.34 8.54
CA GLY A 133 -6.50 -1.52 8.78
C GLY A 133 -6.91 -1.83 10.22
N THR A 134 -8.19 -1.97 10.46
CA THR A 134 -8.71 -2.35 11.74
C THR A 134 -9.44 -3.60 11.34
N ILE A 135 -9.42 -4.68 12.08
CA ILE A 135 -10.22 -5.85 11.69
C ILE A 135 -11.09 -6.25 12.88
N PHE A 136 -12.27 -6.84 12.70
CA PHE A 136 -13.15 -7.14 13.82
C PHE A 136 -14.11 -8.21 13.40
N GLY A 137 -14.86 -8.76 14.33
CA GLY A 137 -15.80 -9.80 14.02
C GLY A 137 -16.72 -9.83 15.20
N ILE A 138 -18.00 -9.93 14.89
CA ILE A 138 -19.04 -9.80 15.88
C ILE A 138 -19.81 -11.10 16.06
N TYR A 139 -19.72 -11.71 17.26
CA TYR A 139 -20.50 -12.90 17.56
C TYR A 139 -21.62 -12.48 18.51
N ARG A 140 -22.55 -13.38 18.75
CA ARG A 140 -23.71 -13.09 19.54
C ARG A 140 -23.62 -13.92 20.79
N LYS A 141 -23.79 -13.37 22.00
CA LYS A 141 -23.76 -14.22 23.18
C LYS A 141 -25.07 -15.01 23.27
N ASN A 142 -25.02 -16.31 22.93
CA ASN A 142 -26.17 -17.21 23.00
C ASN A 142 -26.46 -17.79 24.40
N SER A 143 -25.46 -18.15 25.23
CA SER A 143 -25.68 -18.72 26.55
C SER A 143 -26.22 -17.78 27.60
N THR A 144 -26.88 -18.44 28.57
CA THR A 144 -27.57 -17.90 29.77
C THR A 144 -26.82 -17.32 30.99
N ASP A 145 -25.50 -17.46 31.10
CA ASP A 145 -24.70 -17.05 32.27
C ASP A 145 -23.82 -15.80 32.20
N GLU A 146 -22.98 -15.59 33.24
CA GLU A 146 -22.07 -14.45 33.31
C GLU A 146 -21.26 -14.43 32.02
N PRO A 147 -21.24 -13.35 31.23
CA PRO A 147 -20.47 -13.25 30.02
C PRO A 147 -19.04 -13.54 30.46
N SER A 148 -18.29 -14.15 29.56
CA SER A 148 -16.97 -14.69 29.85
C SER A 148 -16.20 -14.97 28.55
N GLU A 149 -14.85 -15.11 28.52
CA GLU A 149 -14.08 -15.46 27.32
C GLU A 149 -14.62 -16.64 26.54
N LYS A 150 -15.21 -17.63 27.19
CA LYS A 150 -15.76 -18.78 26.51
C LYS A 150 -16.76 -18.40 25.47
N ASP A 151 -17.50 -17.33 25.75
CA ASP A 151 -18.47 -16.77 24.85
C ASP A 151 -17.73 -16.39 23.56
N ALA A 152 -16.45 -16.02 23.63
CA ALA A 152 -15.58 -15.71 22.50
C ALA A 152 -14.93 -16.97 21.95
N LEU A 153 -15.22 -18.16 22.43
CA LEU A 153 -14.63 -19.34 21.87
C LEU A 153 -15.69 -20.00 21.05
N GLN A 154 -16.07 -19.35 19.94
CA GLN A 154 -17.09 -19.90 19.03
C GLN A 154 -16.51 -19.96 17.64
N PRO A 155 -16.72 -20.95 16.78
CA PRO A 155 -16.04 -21.04 15.50
C PRO A 155 -16.50 -19.89 14.65
N GLY A 156 -15.59 -19.30 13.88
CA GLY A 156 -15.93 -18.23 12.95
C GLY A 156 -17.17 -18.52 12.11
N ARG A 157 -17.56 -19.77 11.94
CA ARG A 157 -18.77 -20.10 11.20
C ARG A 157 -20.02 -19.44 11.76
N ASN A 158 -19.98 -19.20 13.06
CA ASN A 158 -21.12 -18.63 13.74
C ASN A 158 -21.28 -17.12 13.72
N LEU A 159 -20.24 -16.42 13.25
CA LEU A 159 -20.33 -14.97 13.14
C LEU A 159 -21.60 -14.49 12.50
N VAL A 160 -22.09 -13.41 13.10
CA VAL A 160 -23.28 -12.80 12.57
C VAL A 160 -22.81 -11.70 11.63
N ALA A 161 -21.71 -11.02 11.95
CA ALA A 161 -21.20 -9.93 11.13
C ALA A 161 -19.67 -9.81 11.22
N ALA A 162 -19.05 -9.38 10.10
CA ALA A 162 -17.60 -9.25 9.97
C ALA A 162 -17.16 -8.16 9.00
N GLY A 163 -15.88 -7.91 8.81
CA GLY A 163 -15.47 -6.91 7.85
C GLY A 163 -14.23 -6.29 8.39
N TYR A 164 -13.77 -5.20 7.77
CA TYR A 164 -12.57 -4.52 8.22
C TYR A 164 -12.55 -3.11 7.70
N ALA A 165 -11.65 -2.28 8.21
CA ALA A 165 -11.57 -0.93 7.70
C ALA A 165 -10.15 -0.76 7.27
N LEU A 166 -9.94 -0.31 6.03
CA LEU A 166 -8.65 -0.07 5.42
C LEU A 166 -8.36 1.42 5.41
N TYR A 167 -7.09 1.77 5.68
CA TYR A 167 -6.60 3.13 5.71
C TYR A 167 -5.50 3.25 4.66
N GLY A 168 -5.90 3.45 3.40
CA GLY A 168 -4.96 3.60 2.28
C GLY A 168 -5.25 4.95 1.66
N SER A 169 -5.28 5.04 0.33
CA SER A 169 -5.55 6.30 -0.34
C SER A 169 -6.90 6.89 -0.02
N ALA A 170 -7.78 6.02 0.47
CA ALA A 170 -9.12 6.39 0.90
C ALA A 170 -9.46 5.45 2.05
N THR A 171 -10.31 5.83 2.99
CA THR A 171 -10.65 4.93 4.08
C THR A 171 -11.89 4.15 3.65
N MET A 172 -11.85 2.83 3.80
CA MET A 172 -12.83 1.94 3.19
C MET A 172 -13.24 0.94 4.24
N LEU A 173 -14.49 0.51 4.20
CA LEU A 173 -14.98 -0.38 5.20
C LEU A 173 -15.82 -1.36 4.45
N VAL A 174 -15.34 -2.58 4.46
CA VAL A 174 -16.04 -3.66 3.82
C VAL A 174 -16.71 -4.35 5.00
N LEU A 175 -17.99 -4.67 4.85
CA LEU A 175 -18.79 -5.24 5.91
C LEU A 175 -19.50 -6.40 5.28
N ALA A 176 -19.33 -7.53 5.90
CA ALA A 176 -19.90 -8.74 5.40
C ALA A 176 -20.93 -9.23 6.39
N MET A 177 -22.21 -9.23 6.08
CA MET A 177 -23.21 -9.79 6.98
C MET A 177 -23.89 -10.95 6.30
N VAL A 178 -24.82 -11.57 7.01
CA VAL A 178 -25.57 -12.72 6.53
C VAL A 178 -26.14 -12.59 5.11
N ASN A 179 -26.27 -11.41 4.50
CA ASN A 179 -26.74 -11.31 3.13
C ASN A 179 -25.66 -10.98 2.10
N GLY A 180 -24.45 -10.59 2.49
CA GLY A 180 -23.52 -10.23 1.48
C GLY A 180 -22.37 -9.44 2.02
N VAL A 181 -21.45 -9.17 1.09
CA VAL A 181 -20.30 -8.38 1.38
C VAL A 181 -20.59 -7.10 0.65
N ASN A 182 -20.28 -5.96 1.26
CA ASN A 182 -20.55 -4.64 0.69
C ASN A 182 -19.45 -3.67 1.13
N CYS A 183 -19.13 -2.69 0.31
CA CYS A 183 -18.03 -1.80 0.61
C CYS A 183 -18.55 -0.40 0.66
N PHE A 184 -18.38 0.19 1.83
CA PHE A 184 -18.68 1.57 2.06
C PHE A 184 -17.35 2.31 2.02
N MET A 185 -17.29 3.57 1.58
CA MET A 185 -16.05 4.34 1.48
C MET A 185 -16.28 5.57 2.26
N LEU A 186 -15.40 5.98 3.14
CA LEU A 186 -15.66 7.12 3.96
C LEU A 186 -15.58 8.37 3.10
N ASP A 187 -16.65 9.18 3.05
CA ASP A 187 -16.70 10.47 2.38
C ASP A 187 -16.21 11.48 3.43
N PRO A 188 -14.99 11.99 3.27
CA PRO A 188 -14.30 12.76 4.30
C PRO A 188 -14.87 14.14 4.43
N ALA A 189 -15.61 14.54 3.39
CA ALA A 189 -16.23 15.84 3.37
C ALA A 189 -17.40 15.85 4.34
N ILE A 190 -18.03 14.67 4.63
CA ILE A 190 -19.14 14.70 5.56
C ILE A 190 -18.97 13.77 6.74
N GLY A 191 -17.89 13.02 6.87
CA GLY A 191 -17.80 12.10 7.99
C GLY A 191 -18.87 11.00 7.92
N GLU A 192 -19.02 10.37 6.75
CA GLU A 192 -20.01 9.34 6.63
C GLU A 192 -19.49 8.25 5.77
N PHE A 193 -19.89 7.04 6.07
CA PHE A 193 -19.50 5.96 5.22
C PHE A 193 -20.58 5.75 4.23
N ILE A 194 -20.19 5.96 2.99
CA ILE A 194 -21.14 5.84 1.90
C ILE A 194 -20.94 4.53 1.15
N LEU A 195 -22.04 3.79 0.88
CA LEU A 195 -22.07 2.52 0.15
C LEU A 195 -21.68 2.67 -1.31
N VAL A 196 -20.58 2.07 -1.75
CA VAL A 196 -20.19 2.16 -3.14
C VAL A 196 -20.12 0.80 -3.74
N ASP A 197 -19.83 -0.32 -3.10
CA ASP A 197 -19.92 -1.57 -3.84
C ASP A 197 -20.83 -2.53 -3.18
N ARG A 198 -21.73 -3.11 -3.97
CA ARG A 198 -22.80 -3.93 -3.45
C ARG A 198 -22.61 -5.38 -3.86
N ASN A 199 -23.03 -6.20 -2.89
CA ASN A 199 -23.13 -7.64 -3.01
C ASN A 199 -21.99 -8.22 -3.81
N VAL A 200 -20.84 -7.89 -3.25
CA VAL A 200 -19.55 -8.21 -3.81
C VAL A 200 -19.39 -9.72 -3.94
N LYS A 201 -18.83 -10.15 -5.06
CA LYS A 201 -18.56 -11.57 -5.32
C LYS A 201 -17.16 -11.64 -5.95
N ILE A 202 -16.32 -12.58 -5.51
CA ILE A 202 -14.94 -12.70 -5.96
C ILE A 202 -14.88 -13.47 -7.27
N LYS A 203 -13.88 -13.18 -8.11
CA LYS A 203 -13.70 -13.89 -9.36
C LYS A 203 -13.32 -15.33 -9.03
N LYS A 204 -13.73 -16.28 -9.86
CA LYS A 204 -13.44 -17.69 -9.66
C LYS A 204 -11.95 -18.03 -9.56
N LYS A 205 -11.20 -17.54 -10.55
CA LYS A 205 -9.76 -17.78 -10.69
C LYS A 205 -9.16 -16.45 -11.08
N GLY A 206 -7.92 -16.17 -10.69
CA GLY A 206 -7.33 -14.88 -11.03
C GLY A 206 -5.86 -15.02 -11.27
N SER A 207 -5.20 -13.94 -11.62
CA SER A 207 -3.81 -14.02 -11.98
C SER A 207 -2.81 -13.55 -10.93
N ILE A 208 -3.06 -13.64 -9.61
CA ILE A 208 -2.14 -13.16 -8.59
C ILE A 208 -2.00 -14.05 -7.38
N TYR A 209 -0.77 -14.24 -6.98
CA TYR A 209 -0.59 -14.91 -5.75
C TYR A 209 0.10 -13.92 -4.81
N SER A 210 -0.15 -14.16 -3.53
CA SER A 210 0.39 -13.32 -2.50
C SER A 210 0.83 -14.25 -1.38
N ILE A 211 2.13 -14.13 -1.01
CA ILE A 211 2.78 -14.86 0.08
C ILE A 211 4.14 -14.26 0.42
N ASN A 212 4.63 -14.39 1.66
CA ASN A 212 5.94 -13.87 2.03
C ASN A 212 6.98 -14.84 1.50
N GLU A 213 7.55 -14.49 0.35
CA GLU A 213 8.51 -15.36 -0.31
C GLU A 213 9.87 -15.50 0.34
N GLY A 214 10.20 -14.55 1.23
CA GLY A 214 11.43 -14.62 2.02
C GLY A 214 11.44 -15.80 2.98
N TYR A 215 10.28 -16.36 3.29
CA TYR A 215 10.23 -17.55 4.11
C TYR A 215 10.40 -18.81 3.28
N ALA A 216 10.88 -18.70 2.02
CA ALA A 216 10.98 -19.81 1.08
C ALA A 216 11.54 -21.11 1.62
N LYS A 217 12.60 -20.98 2.41
CA LYS A 217 13.27 -22.10 3.07
C LYS A 217 12.36 -22.93 3.96
N GLU A 218 11.46 -22.17 4.57
CA GLU A 218 10.56 -22.67 5.58
C GLU A 218 9.26 -23.22 5.03
N PHE A 219 8.86 -22.97 3.76
CA PHE A 219 7.57 -23.45 3.28
C PHE A 219 7.46 -24.94 3.08
N ASP A 220 6.36 -25.51 3.54
CA ASP A 220 6.07 -26.93 3.34
C ASP A 220 5.78 -27.33 1.87
N PRO A 221 5.98 -28.59 1.46
CA PRO A 221 5.98 -29.03 0.06
C PRO A 221 4.84 -28.62 -0.86
N ALA A 222 3.61 -28.69 -0.35
CA ALA A 222 2.44 -28.39 -1.14
C ALA A 222 2.47 -26.99 -1.73
N ILE A 223 2.88 -26.09 -0.84
CA ILE A 223 2.99 -24.67 -1.12
C ILE A 223 4.05 -24.44 -2.17
N THR A 224 5.25 -24.94 -1.86
CA THR A 224 6.40 -24.70 -2.68
C THR A 224 6.15 -25.26 -4.08
N GLU A 225 5.45 -26.41 -4.19
CA GLU A 225 5.11 -26.96 -5.50
C GLU A 225 4.20 -25.96 -6.19
N TYR A 226 3.11 -25.57 -5.52
CA TYR A 226 2.12 -24.68 -6.09
C TYR A 226 2.78 -23.41 -6.54
N ILE A 227 3.76 -22.89 -5.80
CA ILE A 227 4.49 -21.67 -6.12
C ILE A 227 5.11 -21.83 -7.49
N GLN A 228 5.76 -22.97 -7.63
CA GLN A 228 6.39 -23.34 -8.88
C GLN A 228 5.33 -23.39 -9.97
N ARG A 229 4.28 -24.19 -9.75
CA ARG A 229 3.17 -24.42 -10.64
C ARG A 229 2.61 -23.13 -11.23
N LYS A 230 2.79 -22.05 -10.47
CA LYS A 230 2.35 -20.74 -10.88
C LYS A 230 3.41 -19.86 -11.54
N LYS A 231 4.64 -20.01 -11.08
CA LYS A 231 5.78 -19.23 -11.56
C LYS A 231 6.21 -19.61 -12.97
N PHE A 232 6.38 -20.91 -13.15
CA PHE A 232 6.74 -21.49 -14.42
C PHE A 232 5.56 -22.44 -14.61
N PRO A 233 4.44 -21.98 -15.17
CA PRO A 233 3.26 -22.80 -15.37
C PRO A 233 3.62 -23.84 -16.40
N PRO A 234 3.50 -25.14 -16.13
CA PRO A 234 3.60 -26.18 -17.15
C PRO A 234 2.59 -26.19 -18.33
N ASP A 235 1.71 -25.17 -18.47
CA ASP A 235 0.69 -25.07 -19.54
C ASP A 235 1.04 -24.11 -20.71
N ASN A 236 2.27 -23.55 -20.87
CA ASN A 236 2.66 -22.58 -21.91
C ASN A 236 1.68 -21.37 -22.01
N SER A 237 1.20 -21.05 -20.82
CA SER A 237 0.28 -19.97 -20.54
C SER A 237 1.08 -18.85 -19.84
N ALA A 238 0.48 -17.72 -19.49
CA ALA A 238 1.19 -16.69 -18.74
C ALA A 238 1.43 -17.19 -17.31
N PRO A 239 2.53 -16.85 -16.63
CA PRO A 239 2.71 -17.08 -15.21
C PRO A 239 1.82 -16.16 -14.40
N TYR A 240 1.59 -16.52 -13.14
CA TYR A 240 0.85 -15.61 -12.29
C TYR A 240 1.71 -14.41 -11.97
N GLY A 241 1.08 -13.34 -11.50
CA GLY A 241 1.83 -12.21 -10.98
C GLY A 241 1.93 -12.44 -9.48
N ALA A 242 2.90 -11.81 -8.82
CA ALA A 242 3.02 -11.88 -7.36
C ALA A 242 2.95 -10.48 -6.81
N ARG A 243 2.31 -10.41 -5.65
CA ARG A 243 2.18 -9.18 -4.90
C ARG A 243 2.28 -9.63 -3.47
N TYR A 244 2.63 -8.67 -2.62
CA TYR A 244 2.67 -8.84 -1.17
C TYR A 244 2.96 -7.46 -0.57
N VAL A 245 1.96 -6.77 -0.02
CA VAL A 245 2.17 -5.49 0.63
C VAL A 245 2.74 -5.70 2.06
N GLY A 246 2.56 -6.88 2.71
CA GLY A 246 3.02 -7.19 4.07
C GLY A 246 2.13 -6.65 5.18
N SER A 247 0.89 -6.39 4.81
CA SER A 247 -0.12 -5.79 5.66
C SER A 247 -1.34 -6.60 5.27
N MET A 248 -1.70 -7.58 6.10
CA MET A 248 -2.75 -8.50 5.76
C MET A 248 -4.00 -7.88 5.14
N VAL A 249 -4.42 -6.74 5.63
CA VAL A 249 -5.61 -6.08 5.13
C VAL A 249 -5.51 -5.70 3.67
N ALA A 250 -4.37 -5.11 3.29
CA ALA A 250 -4.23 -4.61 1.93
C ALA A 250 -4.22 -5.75 0.94
N ASP A 251 -3.59 -6.85 1.37
CA ASP A 251 -3.50 -7.97 0.48
C ASP A 251 -4.82 -8.66 0.37
N VAL A 252 -5.58 -8.80 1.46
CA VAL A 252 -6.90 -9.42 1.37
C VAL A 252 -7.86 -8.57 0.54
N HIS A 253 -7.85 -7.24 0.74
CA HIS A 253 -8.75 -6.41 -0.01
C HIS A 253 -8.43 -6.50 -1.50
N ARG A 254 -7.15 -6.41 -1.87
CA ARG A 254 -6.70 -6.64 -3.23
C ARG A 254 -7.27 -8.01 -3.68
N THR A 255 -7.01 -9.11 -2.98
CA THR A 255 -7.59 -10.40 -3.34
C THR A 255 -9.09 -10.37 -3.60
N LEU A 256 -9.90 -9.82 -2.69
CA LEU A 256 -11.35 -9.71 -2.83
C LEU A 256 -11.68 -9.00 -4.13
N VAL A 257 -10.91 -7.97 -4.47
CA VAL A 257 -11.37 -7.21 -5.61
C VAL A 257 -10.77 -7.63 -6.94
N TYR A 258 -9.46 -7.77 -7.03
CA TYR A 258 -8.87 -8.10 -8.29
C TYR A 258 -8.95 -9.60 -8.47
N GLY A 259 -9.11 -10.34 -7.37
CA GLY A 259 -9.22 -11.79 -7.42
C GLY A 259 -7.81 -12.34 -7.26
N GLY A 260 -7.62 -13.62 -6.96
CA GLY A 260 -6.27 -14.12 -6.78
C GLY A 260 -6.14 -15.04 -5.58
N ILE A 261 -4.97 -15.04 -4.92
CA ILE A 261 -4.77 -15.86 -3.72
C ILE A 261 -3.76 -15.20 -2.80
N PHE A 262 -3.94 -15.54 -1.54
CA PHE A 262 -3.12 -14.96 -0.50
C PHE A 262 -2.91 -16.13 0.39
N MET A 263 -1.69 -16.12 0.91
CA MET A 263 -1.28 -17.21 1.73
C MET A 263 -0.38 -16.75 2.82
N TYR A 264 -0.67 -17.37 3.93
CA TYR A 264 0.21 -17.17 5.02
C TYR A 264 0.14 -18.50 5.75
N PRO A 265 1.06 -19.38 5.33
CA PRO A 265 1.14 -20.77 5.74
C PRO A 265 1.95 -21.04 7.02
N ALA A 266 1.62 -22.15 7.71
CA ALA A 266 2.36 -22.63 8.86
C ALA A 266 3.72 -23.09 8.35
N ASN A 267 4.81 -22.71 9.03
CA ASN A 267 6.14 -23.04 8.55
C ASN A 267 7.12 -23.41 9.68
N LYS A 268 8.44 -23.25 9.57
CA LYS A 268 9.40 -23.52 10.65
C LYS A 268 9.40 -22.47 11.75
N LYS A 269 9.47 -21.21 11.32
CA LYS A 269 9.41 -20.05 12.20
C LYS A 269 8.15 -20.14 13.07
N SER A 270 7.00 -20.23 12.41
CA SER A 270 5.76 -20.31 13.14
C SER A 270 5.02 -21.55 12.62
N PRO A 271 5.08 -22.69 13.30
CA PRO A 271 4.32 -23.87 12.93
C PRO A 271 2.78 -23.75 13.00
N LYS A 272 2.28 -22.63 13.54
CA LYS A 272 0.85 -22.40 13.70
C LYS A 272 0.26 -21.30 12.83
N GLY A 273 1.08 -20.80 11.91
CA GLY A 273 0.73 -19.60 11.18
C GLY A 273 1.04 -18.44 12.13
N LYS A 274 1.25 -17.24 11.57
CA LYS A 274 1.48 -16.06 12.37
C LYS A 274 0.15 -15.45 12.77
N LEU A 275 -0.81 -15.41 11.84
CA LEU A 275 -2.05 -14.69 12.04
C LEU A 275 -2.98 -15.33 13.02
N ARG A 276 -3.43 -14.47 13.93
CA ARG A 276 -4.28 -14.89 15.02
C ARG A 276 -5.67 -15.18 14.43
N LEU A 277 -6.37 -16.15 15.00
CA LEU A 277 -7.62 -16.62 14.45
C LEU A 277 -8.71 -15.63 14.70
N LEU A 278 -9.24 -15.58 15.94
CA LEU A 278 -10.42 -14.80 16.25
C LEU A 278 -10.52 -13.38 15.72
N TYR A 279 -9.39 -12.65 15.65
CA TYR A 279 -9.40 -11.31 15.14
C TYR A 279 -8.78 -11.17 13.78
N GLU A 280 -7.75 -11.92 13.37
CA GLU A 280 -7.29 -11.71 12.01
C GLU A 280 -7.92 -12.73 11.10
N CYS A 281 -7.66 -14.01 11.20
CA CYS A 281 -8.14 -14.96 10.22
C CYS A 281 -9.64 -15.10 10.04
N ASN A 282 -10.45 -15.34 11.09
CA ASN A 282 -11.89 -15.61 10.91
C ASN A 282 -12.65 -14.46 10.24
N PRO A 283 -12.62 -13.15 10.55
CA PRO A 283 -13.18 -12.04 9.75
C PRO A 283 -12.89 -12.13 8.27
N MET A 284 -11.62 -12.17 7.89
CA MET A 284 -11.26 -12.30 6.50
C MET A 284 -11.88 -13.57 5.97
N ALA A 285 -11.73 -14.71 6.62
CA ALA A 285 -12.31 -15.95 6.16
C ALA A 285 -13.78 -15.80 5.82
N TYR A 286 -14.53 -15.17 6.73
CA TYR A 286 -15.97 -14.94 6.62
C TYR A 286 -16.33 -14.08 5.45
N VAL A 287 -15.60 -12.96 5.33
CA VAL A 287 -15.75 -11.98 4.26
C VAL A 287 -15.53 -12.77 2.97
N MET A 288 -14.46 -13.56 2.91
CA MET A 288 -14.07 -14.33 1.73
C MET A 288 -15.11 -15.32 1.32
N GLU A 289 -15.55 -16.17 2.21
CA GLU A 289 -16.51 -17.18 1.83
C GLU A 289 -17.81 -16.56 1.41
N LYS A 290 -18.27 -15.51 2.10
CA LYS A 290 -19.53 -14.86 1.72
C LYS A 290 -19.42 -14.24 0.36
N ALA A 291 -18.19 -13.91 -0.01
CA ALA A 291 -17.92 -13.30 -1.29
C ALA A 291 -17.86 -14.38 -2.36
N GLY A 292 -17.85 -15.64 -1.95
CA GLY A 292 -17.76 -16.74 -2.87
C GLY A 292 -16.34 -17.29 -2.89
N GLY A 293 -15.43 -16.81 -2.04
CA GLY A 293 -14.08 -17.32 -1.99
C GLY A 293 -14.01 -18.49 -1.03
N LEU A 294 -12.83 -19.03 -0.85
CA LEU A 294 -12.65 -20.03 0.16
C LEU A 294 -11.52 -19.57 1.04
N ALA A 295 -11.47 -20.24 2.17
CA ALA A 295 -10.42 -19.96 3.14
C ALA A 295 -10.30 -21.16 4.04
N THR A 296 -9.11 -21.70 3.91
CA THR A 296 -8.75 -22.92 4.58
C THR A 296 -7.38 -22.74 5.21
N THR A 297 -7.03 -23.78 5.95
CA THR A 297 -5.73 -23.91 6.59
C THR A 297 -4.84 -24.87 5.77
N GLY A 298 -5.50 -25.49 4.77
CA GLY A 298 -4.93 -26.52 3.92
C GLY A 298 -5.34 -27.91 4.39
N LYS A 299 -5.76 -28.01 5.65
CA LYS A 299 -6.19 -29.25 6.25
C LYS A 299 -7.64 -29.11 6.67
N GLU A 300 -8.16 -27.88 6.80
CA GLU A 300 -9.54 -27.64 7.23
C GLU A 300 -9.99 -26.21 6.96
N ALA A 301 -11.29 -25.94 7.06
CA ALA A 301 -11.75 -24.58 6.86
C ALA A 301 -11.46 -23.75 8.10
N VAL A 302 -11.10 -22.49 7.88
CA VAL A 302 -10.76 -21.62 8.99
C VAL A 302 -11.94 -21.42 9.90
N LEU A 303 -13.10 -21.18 9.32
CA LEU A 303 -14.29 -20.95 10.12
C LEU A 303 -14.80 -22.14 10.90
N ASP A 304 -14.53 -23.35 10.44
CA ASP A 304 -15.01 -24.54 11.11
C ASP A 304 -14.15 -24.83 12.32
N ILE A 305 -13.03 -24.11 12.52
CA ILE A 305 -12.14 -24.32 13.66
C ILE A 305 -12.69 -23.77 14.94
N VAL A 306 -12.71 -24.63 15.94
CA VAL A 306 -13.23 -24.27 17.25
C VAL A 306 -12.11 -23.55 18.03
N PRO A 307 -12.14 -22.29 18.48
CA PRO A 307 -11.00 -21.73 19.22
C PRO A 307 -10.97 -22.36 20.60
N THR A 308 -9.76 -22.43 21.12
CA THR A 308 -9.51 -22.98 22.44
C THR A 308 -8.96 -21.76 23.15
N ASP A 309 -7.94 -21.11 22.60
CA ASP A 309 -7.47 -19.87 23.13
C ASP A 309 -8.12 -18.80 22.29
N ILE A 310 -8.35 -17.71 22.98
CA ILE A 310 -8.90 -16.55 22.31
C ILE A 310 -7.82 -15.83 21.50
N HIS A 311 -6.57 -16.20 21.80
CA HIS A 311 -5.42 -15.60 21.14
C HIS A 311 -4.68 -16.63 20.29
N GLN A 312 -5.38 -17.69 19.82
CA GLN A 312 -4.73 -18.73 19.05
C GLN A 312 -4.64 -18.37 17.60
N ARG A 313 -3.62 -18.91 16.92
CA ARG A 313 -3.24 -18.60 15.54
C ARG A 313 -3.67 -19.72 14.60
N ALA A 314 -3.56 -19.44 13.30
CA ALA A 314 -3.96 -20.39 12.28
C ALA A 314 -3.23 -20.11 10.98
N PRO A 315 -3.00 -21.19 10.22
CA PRO A 315 -2.54 -21.12 8.85
C PRO A 315 -3.64 -20.55 7.97
N ILE A 316 -3.39 -19.60 7.06
CA ILE A 316 -4.46 -19.02 6.24
C ILE A 316 -4.16 -18.96 4.73
N ILE A 317 -4.96 -19.65 3.95
CA ILE A 317 -4.84 -19.57 2.49
C ILE A 317 -6.22 -19.10 2.14
N LEU A 318 -6.40 -17.92 1.53
CA LEU A 318 -7.74 -17.49 1.15
C LEU A 318 -7.70 -16.81 -0.21
N GLY A 319 -8.78 -16.96 -0.97
CA GLY A 319 -8.81 -16.34 -2.24
C GLY A 319 -9.82 -16.97 -3.16
N SER A 320 -9.74 -16.56 -4.45
CA SER A 320 -10.61 -16.92 -5.54
C SER A 320 -10.73 -18.40 -5.67
N PRO A 321 -11.90 -18.99 -5.47
CA PRO A 321 -12.04 -20.39 -5.11
C PRO A 321 -11.12 -21.35 -5.87
N GLU A 322 -11.17 -21.38 -7.22
CA GLU A 322 -10.42 -22.36 -8.01
C GLU A 322 -8.92 -22.45 -7.74
N ASP A 323 -8.32 -21.30 -7.49
CA ASP A 323 -6.93 -21.27 -7.11
C ASP A 323 -6.74 -21.99 -5.77
N VAL A 324 -7.48 -21.62 -4.73
CA VAL A 324 -7.29 -22.21 -3.41
C VAL A 324 -7.57 -23.70 -3.46
N THR A 325 -8.48 -24.11 -4.33
CA THR A 325 -8.77 -25.53 -4.49
C THR A 325 -7.61 -26.25 -5.16
N GLU A 326 -6.96 -25.54 -6.09
CA GLU A 326 -5.78 -26.04 -6.75
C GLU A 326 -4.83 -26.39 -5.63
N LEU A 327 -4.57 -25.46 -4.70
CA LEU A 327 -3.70 -25.77 -3.59
C LEU A 327 -4.22 -26.87 -2.70
N LEU A 328 -5.47 -26.89 -2.33
CA LEU A 328 -6.01 -27.94 -1.47
C LEU A 328 -5.86 -29.33 -2.05
N GLU A 329 -5.86 -29.44 -3.40
CA GLU A 329 -5.63 -30.71 -4.06
C GLU A 329 -4.19 -31.02 -3.75
N ILE A 330 -3.30 -30.07 -4.13
CA ILE A 330 -1.86 -30.19 -3.93
C ILE A 330 -1.53 -30.52 -2.46
N TYR A 331 -2.37 -30.12 -1.51
CA TYR A 331 -2.13 -30.44 -0.15
C TYR A 331 -2.34 -31.91 -0.01
N GLN A 332 -3.50 -32.48 -0.29
CA GLN A 332 -3.66 -33.90 -0.07
C GLN A 332 -3.21 -34.76 -1.24
N LYS A 333 -2.61 -34.19 -2.29
CA LYS A 333 -1.93 -34.94 -3.36
C LYS A 333 -0.49 -35.11 -2.85
N HIS A 334 -0.12 -34.52 -1.73
CA HIS A 334 1.17 -34.75 -1.11
C HIS A 334 0.90 -35.38 0.27
N ALA A 335 -0.20 -36.15 0.37
CA ALA A 335 -0.64 -36.80 1.60
C ALA A 335 -1.08 -38.25 1.36
N ALA B 5 -0.72 22.41 20.61
CA ALA B 5 -1.51 22.24 19.39
C ALA B 5 -1.68 23.66 18.94
N PHE B 6 -1.70 23.88 17.61
CA PHE B 6 -1.57 25.19 16.98
C PHE B 6 -0.10 25.55 17.25
N ASP B 7 0.70 25.53 16.16
CA ASP B 7 2.16 25.74 16.15
C ASP B 7 2.45 26.94 15.25
N THR B 8 2.92 28.11 15.72
CA THR B 8 3.14 29.32 14.91
C THR B 8 4.28 29.36 13.90
N ASN B 9 5.07 28.29 13.87
CA ASN B 9 6.32 28.19 13.13
C ASN B 9 6.26 26.89 12.33
N ILE B 10 5.33 26.81 11.39
CA ILE B 10 5.14 25.60 10.60
C ILE B 10 6.07 25.64 9.41
N VAL B 11 6.96 24.66 9.26
CA VAL B 11 7.84 24.71 8.10
C VAL B 11 7.18 24.09 6.89
N THR B 12 6.46 25.00 6.20
CA THR B 12 5.83 24.67 4.94
C THR B 12 7.00 24.54 3.97
N LEU B 13 6.90 23.68 2.95
CA LEU B 13 7.90 23.51 1.92
C LEU B 13 8.11 24.82 1.23
N THR B 14 7.06 25.64 0.96
CA THR B 14 7.26 26.95 0.35
C THR B 14 8.24 27.75 1.22
N ARG B 15 8.17 27.71 2.55
CA ARG B 15 9.18 28.35 3.40
C ARG B 15 10.52 27.64 3.28
N PHE B 16 10.53 26.35 3.53
CA PHE B 16 11.70 25.54 3.51
C PHE B 16 12.56 25.67 2.27
N VAL B 17 12.04 25.43 1.07
CA VAL B 17 12.84 25.51 -0.14
C VAL B 17 13.23 26.95 -0.39
N MET B 18 12.53 27.97 0.13
CA MET B 18 13.04 29.34 0.06
C MET B 18 14.31 29.45 0.86
N GLU B 19 14.48 28.72 1.97
CA GLU B 19 15.76 28.68 2.70
C GLU B 19 16.79 27.85 1.91
N GLN B 20 16.54 27.40 0.66
CA GLN B 20 17.52 26.76 -0.20
C GLN B 20 17.71 27.63 -1.45
N GLY B 21 16.66 28.19 -2.06
CA GLY B 21 16.76 29.06 -3.22
C GLY B 21 17.43 30.40 -2.91
N ARG B 22 16.93 31.18 -1.93
CA ARG B 22 17.44 32.52 -1.56
C ARG B 22 18.90 32.59 -1.04
N LYS B 23 19.39 31.77 -0.10
CA LYS B 23 20.78 31.84 0.37
C LYS B 23 21.82 31.46 -0.70
N ALA B 24 21.37 30.85 -1.80
CA ALA B 24 22.21 30.56 -2.95
C ALA B 24 21.78 31.41 -4.15
N ARG B 25 21.19 32.58 -3.86
CA ARG B 25 20.77 33.65 -4.77
C ARG B 25 19.95 33.35 -6.02
N GLY B 26 19.85 32.10 -6.51
CA GLY B 26 19.05 31.76 -7.67
C GLY B 26 17.63 32.19 -7.36
N THR B 27 16.96 32.85 -8.31
CA THR B 27 15.65 33.47 -8.15
C THR B 27 14.53 32.78 -7.36
N GLY B 28 14.70 31.51 -6.97
CA GLY B 28 13.67 30.80 -6.29
C GLY B 28 12.60 30.53 -7.32
N GLU B 29 12.99 30.46 -8.60
CA GLU B 29 12.06 30.14 -9.69
C GLU B 29 11.51 28.75 -9.42
N MET B 30 12.48 27.99 -8.88
CA MET B 30 12.30 26.69 -8.30
C MET B 30 11.01 26.74 -7.49
N THR B 31 10.97 27.52 -6.42
CA THR B 31 9.79 27.70 -5.59
C THR B 31 8.46 27.95 -6.32
N GLN B 32 8.12 29.01 -7.07
CA GLN B 32 6.79 29.09 -7.66
C GLN B 32 6.50 27.93 -8.56
N LEU B 33 7.54 27.23 -9.01
CA LEU B 33 7.31 26.04 -9.77
C LEU B 33 6.78 25.06 -8.76
N LEU B 34 7.57 24.69 -7.75
CA LEU B 34 7.18 23.64 -6.82
C LEU B 34 5.86 23.90 -6.13
N ASN B 35 5.64 25.13 -5.72
CA ASN B 35 4.39 25.56 -5.11
C ASN B 35 3.16 25.12 -5.92
N SER B 36 3.31 25.30 -7.23
CA SER B 36 2.31 24.88 -8.17
C SER B 36 2.21 23.36 -8.22
N LEU B 37 3.34 22.67 -8.12
CA LEU B 37 3.28 21.24 -8.13
C LEU B 37 2.58 20.75 -6.89
N CYS B 38 2.67 21.52 -5.81
CA CYS B 38 1.95 21.22 -4.61
C CYS B 38 0.51 21.24 -4.93
N THR B 39 -0.01 22.26 -5.59
CA THR B 39 -1.43 22.28 -5.92
C THR B 39 -1.88 21.08 -6.76
N ALA B 40 -1.09 20.75 -7.78
CA ALA B 40 -1.36 19.60 -8.62
C ALA B 40 -1.44 18.37 -7.75
N VAL B 41 -0.45 18.18 -6.86
CA VAL B 41 -0.43 17.01 -6.02
C VAL B 41 -1.59 16.99 -5.02
N LYS B 42 -1.88 18.11 -4.35
CA LYS B 42 -2.97 18.19 -3.38
C LYS B 42 -4.30 17.70 -3.99
N ALA B 43 -4.57 18.36 -5.10
CA ALA B 43 -5.75 18.12 -5.84
C ALA B 43 -5.81 16.69 -6.28
N ILE B 44 -4.72 16.08 -6.70
CA ILE B 44 -4.85 14.69 -7.10
C ILE B 44 -5.23 13.89 -5.87
N SER B 45 -4.67 14.14 -4.69
CA SER B 45 -5.00 13.32 -3.54
C SER B 45 -6.46 13.37 -3.07
N THR B 46 -7.02 14.56 -2.85
CA THR B 46 -8.41 14.72 -2.47
C THR B 46 -9.32 13.90 -3.38
N ALA B 47 -9.24 14.07 -4.70
CA ALA B 47 -10.03 13.29 -5.65
C ALA B 47 -9.76 11.79 -5.62
N VAL B 48 -8.56 11.38 -5.24
CA VAL B 48 -8.24 9.95 -5.17
C VAL B 48 -8.86 9.41 -3.89
N ARG B 49 -8.99 10.25 -2.86
CA ARG B 49 -9.57 9.80 -1.60
C ARG B 49 -11.07 9.67 -1.80
N LYS B 50 -11.76 10.49 -2.59
CA LYS B 50 -13.18 10.26 -2.90
C LYS B 50 -13.25 9.57 -4.26
N ALA B 51 -12.19 8.97 -4.76
CA ALA B 51 -12.16 8.40 -6.09
C ALA B 51 -13.27 7.45 -6.34
N GLY B 52 -13.61 6.63 -5.37
CA GLY B 52 -14.65 5.61 -5.57
C GLY B 52 -16.06 6.13 -5.35
N ILE B 53 -16.26 7.43 -5.23
CA ILE B 53 -17.58 7.99 -4.97
C ILE B 53 -17.88 9.04 -6.05
N ALA B 54 -17.06 9.17 -7.11
CA ALA B 54 -17.30 10.19 -8.14
C ALA B 54 -17.58 9.57 -9.50
N HIS B 55 -16.97 8.56 -9.85
N LYS B 72 -9.25 6.98 -16.09
CA LYS B 72 -9.58 8.38 -16.35
C LYS B 72 -8.79 9.30 -15.45
N LEU B 73 -8.91 9.23 -14.13
CA LEU B 73 -8.22 10.07 -13.16
C LEU B 73 -6.88 10.64 -13.60
N ASP B 74 -5.96 9.72 -13.96
CA ASP B 74 -4.62 10.01 -14.47
C ASP B 74 -4.55 10.95 -15.64
N VAL B 75 -5.53 10.88 -16.50
CA VAL B 75 -5.64 11.83 -17.58
C VAL B 75 -5.84 13.19 -16.96
N LEU B 76 -6.88 13.29 -16.17
CA LEU B 76 -7.17 14.57 -15.59
C LEU B 76 -6.03 14.98 -14.72
N SER B 77 -5.34 14.10 -13.98
CA SER B 77 -4.26 14.57 -13.15
C SER B 77 -3.09 14.99 -14.03
N ASN B 78 -2.98 14.40 -15.23
CA ASN B 78 -1.93 14.79 -16.15
C ASN B 78 -2.25 16.20 -16.57
N ASP B 79 -3.48 16.41 -16.98
CA ASP B 79 -3.86 17.71 -17.45
C ASP B 79 -3.78 18.80 -16.39
N LEU B 80 -3.98 18.37 -15.16
CA LEU B 80 -3.89 19.22 -13.99
C LEU B 80 -2.48 19.72 -13.88
N VAL B 81 -1.56 18.74 -13.73
CA VAL B 81 -0.13 18.99 -13.59
C VAL B 81 0.27 19.94 -14.70
N ILE B 82 0.03 19.65 -15.97
CA ILE B 82 0.41 20.52 -17.08
C ILE B 82 -0.02 21.95 -16.81
N ASN B 83 -1.32 22.16 -16.68
CA ASN B 83 -1.82 23.49 -16.46
C ASN B 83 -1.14 24.16 -15.31
N VAL B 84 -0.99 23.51 -14.15
CA VAL B 84 -0.39 24.27 -13.09
C VAL B 84 1.07 24.52 -13.38
N LEU B 85 1.78 23.56 -13.96
CA LEU B 85 3.20 23.74 -14.22
C LEU B 85 3.50 24.92 -15.04
N LYS B 86 2.73 24.98 -16.12
CA LYS B 86 2.82 26.09 -17.04
C LYS B 86 2.78 27.39 -16.23
N SER B 87 1.68 27.63 -15.52
CA SER B 87 1.52 28.90 -14.85
C SER B 87 2.50 29.21 -13.74
N SER B 88 3.44 28.32 -13.39
CA SER B 88 4.46 28.65 -12.39
C SER B 88 5.44 29.73 -12.86
N PHE B 89 5.35 29.94 -14.20
CA PHE B 89 6.14 30.85 -15.02
C PHE B 89 7.57 30.42 -14.87
N ALA B 90 7.77 29.11 -14.94
CA ALA B 90 9.10 28.61 -14.73
C ALA B 90 9.44 27.42 -15.61
N THR B 91 8.68 27.25 -16.66
CA THR B 91 8.89 26.10 -17.51
C THR B 91 9.05 26.45 -18.96
N CYS B 92 9.57 25.49 -19.69
CA CYS B 92 9.74 25.66 -21.12
C CYS B 92 9.44 24.35 -21.80
N VAL B 93 9.76 23.18 -21.20
CA VAL B 93 9.44 21.87 -21.78
C VAL B 93 8.86 21.04 -20.65
N LEU B 94 8.01 20.09 -20.97
CA LEU B 94 7.38 19.25 -19.99
C LEU B 94 7.30 17.90 -20.66
N VAL B 95 7.54 16.80 -19.96
CA VAL B 95 7.32 15.51 -20.58
C VAL B 95 6.47 14.71 -19.63
N THR B 96 5.38 14.15 -20.13
CA THR B 96 4.50 13.30 -19.36
C THR B 96 4.78 11.87 -19.75
N GLU B 97 4.40 10.87 -18.97
CA GLU B 97 4.41 9.48 -19.42
C GLU B 97 3.32 9.52 -20.51
N GLU B 98 2.23 10.21 -20.17
CA GLU B 98 1.03 10.31 -20.99
C GLU B 98 1.04 11.14 -22.27
N ASP B 99 2.09 11.90 -22.58
CA ASP B 99 2.10 12.65 -23.83
C ASP B 99 3.36 12.40 -24.64
N LYS B 100 3.09 12.15 -25.93
CA LYS B 100 4.08 11.83 -26.95
C LYS B 100 5.24 12.82 -27.01
N ASN B 101 4.93 13.94 -27.64
CA ASN B 101 5.89 14.97 -27.90
C ASN B 101 5.95 15.75 -26.59
N ALA B 102 7.16 16.06 -26.12
CA ALA B 102 7.36 16.87 -24.93
C ALA B 102 6.66 18.19 -25.13
N ILE B 103 5.82 18.59 -24.19
CA ILE B 103 5.03 19.81 -24.35
C ILE B 103 6.01 20.96 -24.17
N ILE B 104 6.18 21.69 -25.27
CA ILE B 104 6.96 22.91 -25.26
C ILE B 104 5.92 23.94 -24.84
N VAL B 105 6.29 24.79 -23.90
CA VAL B 105 5.39 25.76 -23.32
C VAL B 105 5.18 26.92 -24.28
N GLU B 106 4.02 27.61 -24.26
CA GLU B 106 3.83 28.79 -25.10
C GLU B 106 4.75 29.87 -24.52
N PRO B 107 5.39 30.76 -25.30
CA PRO B 107 6.27 31.82 -24.83
C PRO B 107 5.90 32.77 -23.68
N GLU B 108 4.67 33.31 -23.58
CA GLU B 108 4.20 34.27 -22.55
C GLU B 108 4.45 33.92 -21.05
N LYS B 109 4.49 32.61 -20.78
CA LYS B 109 4.63 32.01 -19.45
C LYS B 109 5.96 31.29 -19.22
N ARG B 110 6.91 31.51 -20.14
CA ARG B 110 8.19 30.85 -20.13
C ARG B 110 9.10 31.19 -18.98
N GLY B 111 9.80 30.09 -18.72
CA GLY B 111 10.80 30.05 -17.70
C GLY B 111 11.81 29.01 -18.12
N LYS B 112 12.74 28.71 -17.22
CA LYS B 112 13.89 27.91 -17.58
C LYS B 112 13.91 26.44 -17.27
N TYR B 113 12.82 25.87 -16.78
CA TYR B 113 12.93 24.48 -16.43
C TYR B 113 12.08 23.55 -17.27
N VAL B 114 12.70 22.38 -17.28
CA VAL B 114 12.19 21.20 -17.93
C VAL B 114 11.66 20.34 -16.80
N VAL B 115 10.41 19.91 -16.90
CA VAL B 115 9.81 19.07 -15.88
C VAL B 115 9.38 17.78 -16.53
N CYS B 116 10.05 16.72 -16.16
CA CYS B 116 9.70 15.39 -16.61
C CYS B 116 8.88 14.73 -15.55
N PHE B 117 7.64 14.36 -15.83
CA PHE B 117 6.77 13.83 -14.82
C PHE B 117 5.84 12.67 -15.17
N ASP B 118 5.52 11.74 -14.25
CA ASP B 118 4.39 10.85 -14.46
C ASP B 118 3.37 11.35 -13.45
N PRO B 119 2.21 11.77 -13.90
CA PRO B 119 1.10 12.12 -13.04
C PRO B 119 0.53 11.01 -12.22
N LEU B 120 0.42 9.76 -12.64
CA LEU B 120 -0.26 8.85 -11.78
C LEU B 120 0.25 7.46 -12.00
N ASP B 121 1.38 7.27 -11.32
CA ASP B 121 2.04 6.01 -11.42
C ASP B 121 1.25 5.03 -10.59
N GLY B 122 0.92 3.97 -11.17
CA GLY B 122 0.22 2.84 -10.96
C GLY B 122 -1.23 3.16 -11.13
N SER B 123 -1.71 4.05 -12.04
CA SER B 123 -3.14 4.41 -12.11
C SER B 123 -4.22 3.30 -12.23
N SER B 124 -3.80 2.06 -12.48
CA SER B 124 -4.67 0.89 -12.51
C SER B 124 -5.16 0.52 -11.11
N ASN B 125 -4.13 0.39 -10.26
CA ASN B 125 -4.18 -0.12 -8.90
C ASN B 125 -4.91 0.70 -7.83
N ILE B 126 -5.65 1.73 -8.24
CA ILE B 126 -6.46 2.56 -7.36
C ILE B 126 -7.58 1.69 -6.82
N ASP B 127 -8.19 0.92 -7.70
CA ASP B 127 -9.36 0.13 -7.36
C ASP B 127 -9.09 -1.01 -6.40
N CYS B 128 -7.83 -1.25 -6.08
CA CYS B 128 -7.45 -2.31 -5.16
C CYS B 128 -6.88 -1.71 -3.84
N LEU B 129 -6.83 -0.37 -3.76
CA LEU B 129 -6.37 0.51 -2.66
C LEU B 129 -4.97 0.37 -2.04
N VAL B 130 -4.16 0.18 -3.06
CA VAL B 130 -2.75 0.05 -3.00
C VAL B 130 -2.34 1.49 -3.29
N SER B 131 -1.35 1.98 -2.56
CA SER B 131 -0.83 3.34 -2.77
C SER B 131 -0.22 3.60 -4.16
N ILE B 132 -0.32 4.83 -4.68
CA ILE B 132 0.12 5.23 -6.03
C ILE B 132 0.73 6.61 -5.91
N GLY B 133 1.25 7.24 -6.98
CA GLY B 133 1.89 8.55 -6.82
C GLY B 133 2.14 9.31 -8.09
N THR B 134 2.90 10.39 -7.97
CA THR B 134 3.25 11.34 -9.04
C THR B 134 4.76 11.45 -8.98
N ILE B 135 5.53 11.18 -10.02
CA ILE B 135 6.96 11.38 -9.92
C ILE B 135 7.29 12.56 -10.78
N PHE B 136 8.31 13.33 -10.43
CA PHE B 136 8.75 14.45 -11.26
C PHE B 136 10.25 14.56 -11.19
N GLY B 137 10.85 15.02 -12.28
CA GLY B 137 12.26 15.27 -12.43
C GLY B 137 12.41 16.61 -13.10
N ILE B 138 13.37 17.42 -12.69
CA ILE B 138 13.51 18.71 -13.31
C ILE B 138 14.96 18.97 -13.67
N TYR B 139 15.01 19.62 -14.81
CA TYR B 139 16.21 20.11 -15.43
C TYR B 139 16.09 21.60 -15.60
N ARG B 140 17.25 22.20 -15.86
CA ARG B 140 17.34 23.62 -16.19
C ARG B 140 17.93 23.61 -17.60
N LYS B 141 17.33 24.39 -18.49
CA LYS B 141 17.73 24.50 -19.89
C LYS B 141 19.20 24.91 -20.10
N ASN B 142 19.93 24.02 -20.75
CA ASN B 142 21.34 24.21 -21.09
C ASN B 142 21.42 24.58 -22.57
N SER B 143 20.72 25.63 -22.96
CA SER B 143 20.69 26.08 -24.33
C SER B 143 20.20 27.53 -24.46
N THR B 144 20.67 28.17 -25.52
CA THR B 144 20.39 29.57 -25.73
C THR B 144 19.05 29.83 -26.43
N ASP B 145 18.78 29.00 -27.44
CA ASP B 145 17.66 28.96 -28.39
C ASP B 145 16.18 29.37 -28.18
N GLU B 146 15.32 28.63 -28.89
CA GLU B 146 13.89 28.66 -28.70
C GLU B 146 13.69 27.16 -28.47
N PRO B 147 13.02 26.71 -27.39
CA PRO B 147 12.97 25.32 -26.92
C PRO B 147 12.49 24.17 -27.82
N SER B 148 13.01 23.00 -27.46
CA SER B 148 12.73 21.76 -28.15
C SER B 148 12.86 20.63 -27.16
N GLU B 149 12.31 19.46 -27.42
CA GLU B 149 12.49 18.34 -26.51
C GLU B 149 13.91 17.81 -26.44
N LYS B 150 14.82 18.40 -27.21
CA LYS B 150 16.24 18.07 -27.14
C LYS B 150 16.74 18.65 -25.82
N ASP B 151 16.11 19.76 -25.39
CA ASP B 151 16.38 20.39 -24.10
C ASP B 151 16.02 19.36 -23.04
N ALA B 152 14.89 18.68 -23.27
CA ALA B 152 14.44 17.63 -22.39
C ALA B 152 15.41 16.46 -22.36
N LEU B 153 16.13 16.11 -23.43
CA LEU B 153 16.99 14.93 -23.48
C LEU B 153 18.36 14.99 -22.74
N GLN B 154 18.35 15.62 -21.56
CA GLN B 154 19.51 15.73 -20.66
C GLN B 154 19.55 14.51 -19.75
N PRO B 155 20.68 13.92 -19.38
CA PRO B 155 20.73 12.74 -18.52
C PRO B 155 20.51 13.16 -17.08
N GLY B 156 20.21 12.16 -16.29
CA GLY B 156 19.95 12.34 -14.87
C GLY B 156 21.00 13.19 -14.18
N ARG B 157 22.27 13.04 -14.51
CA ARG B 157 23.31 13.79 -13.82
C ARG B 157 23.18 15.31 -13.97
N ASN B 158 22.23 15.82 -14.75
CA ASN B 158 22.06 17.25 -14.87
C ASN B 158 20.71 17.65 -14.28
N LEU B 159 20.13 16.83 -13.39
CA LEU B 159 18.84 17.10 -12.75
C LEU B 159 18.99 18.15 -11.67
N VAL B 160 18.25 19.25 -11.76
CA VAL B 160 18.40 20.24 -10.71
C VAL B 160 17.71 19.76 -9.47
N ALA B 161 16.61 18.99 -9.59
CA ALA B 161 15.84 18.47 -8.46
C ALA B 161 14.81 17.44 -8.85
N ALA B 162 14.70 16.35 -8.10
CA ALA B 162 13.71 15.33 -8.38
C ALA B 162 12.93 14.99 -7.13
N GLY B 163 11.67 14.64 -7.32
CA GLY B 163 10.85 14.27 -6.21
C GLY B 163 9.63 13.53 -6.66
N TYR B 164 8.85 13.09 -5.71
CA TYR B 164 7.64 12.36 -5.97
C TYR B 164 6.69 12.65 -4.83
N ALA B 165 5.41 12.37 -5.07
CA ALA B 165 4.41 12.51 -4.05
C ALA B 165 3.71 11.16 -4.02
N LEU B 166 3.36 10.72 -2.80
CA LEU B 166 2.70 9.44 -2.50
C LEU B 166 1.30 9.62 -1.88
N TYR B 167 0.35 8.81 -2.31
CA TYR B 167 -1.03 8.92 -1.87
C TYR B 167 -1.24 7.58 -1.22
N GLY B 168 -0.88 7.53 0.04
CA GLY B 168 -1.01 6.29 0.80
C GLY B 168 -1.91 6.57 1.98
N SER B 169 -1.61 5.98 3.14
CA SER B 169 -2.38 6.32 4.30
C SER B 169 -2.14 7.79 4.58
N ALA B 170 -1.07 8.38 4.07
CA ALA B 170 -0.87 9.82 4.17
C ALA B 170 -0.43 10.37 2.81
N THR B 171 -0.36 11.69 2.59
CA THR B 171 0.17 12.25 1.36
C THR B 171 1.48 12.89 1.73
N MET B 172 2.48 12.15 1.32
CA MET B 172 3.85 12.45 1.61
C MET B 172 4.60 12.97 0.39
N LEU B 173 5.20 14.16 0.32
CA LEU B 173 6.01 14.52 -0.84
C LEU B 173 7.41 14.24 -0.40
N VAL B 174 8.23 13.65 -1.22
CA VAL B 174 9.61 13.45 -0.84
C VAL B 174 10.39 14.22 -1.88
N LEU B 175 11.17 15.23 -1.51
CA LEU B 175 11.88 16.11 -2.41
C LEU B 175 13.39 16.02 -2.31
N ALA B 176 14.04 15.67 -3.40
CA ALA B 176 15.48 15.61 -3.42
C ALA B 176 16.03 16.73 -4.26
N MET B 177 16.84 17.55 -3.65
CA MET B 177 17.57 18.62 -4.31
C MET B 177 19.01 18.48 -3.83
N VAL B 178 19.98 19.17 -4.43
CA VAL B 178 21.38 19.11 -4.03
C VAL B 178 21.80 18.76 -2.60
N ASN B 179 21.33 19.38 -1.52
CA ASN B 179 21.81 19.09 -0.16
C ASN B 179 21.51 17.73 0.43
N GLY B 180 20.43 17.19 -0.14
CA GLY B 180 19.91 15.90 0.25
C GLY B 180 18.40 15.81 0.03
N VAL B 181 17.78 14.80 0.66
CA VAL B 181 16.37 14.55 0.47
C VAL B 181 15.60 14.93 1.72
N ASN B 182 14.40 15.46 1.57
CA ASN B 182 13.55 15.82 2.70
C ASN B 182 12.14 15.32 2.44
N CYS B 183 11.53 14.75 3.47
CA CYS B 183 10.20 14.21 3.37
C CYS B 183 9.17 15.11 4.01
N PHE B 184 8.10 15.40 3.30
CA PHE B 184 7.07 16.30 3.78
C PHE B 184 5.75 15.54 3.72
N MET B 185 4.83 15.95 4.61
CA MET B 185 3.56 15.29 4.80
C MET B 185 2.52 16.35 4.66
N LEU B 186 1.35 15.96 4.18
CA LEU B 186 0.31 16.91 3.89
C LEU B 186 -0.63 17.14 5.05
N ASP B 187 -0.62 18.29 5.72
CA ASP B 187 -1.55 18.54 6.80
C ASP B 187 -2.81 18.97 6.07
N PRO B 188 -3.82 18.12 6.07
CA PRO B 188 -5.09 18.26 5.36
C PRO B 188 -5.99 19.39 5.83
N ALA B 189 -5.77 19.68 7.11
CA ALA B 189 -6.48 20.73 7.76
C ALA B 189 -5.94 22.07 7.32
N ILE B 190 -4.64 22.28 7.08
CA ILE B 190 -4.29 23.61 6.60
C ILE B 190 -3.88 23.55 5.17
N GLY B 191 -3.91 22.37 4.60
CA GLY B 191 -3.49 22.20 3.22
C GLY B 191 -2.01 22.45 2.99
N GLU B 192 -1.12 22.23 3.93
CA GLU B 192 0.28 22.51 3.63
C GLU B 192 1.14 21.27 3.87
N PHE B 193 2.14 21.14 3.01
CA PHE B 193 3.11 20.09 3.17
C PHE B 193 3.89 20.60 4.34
N ILE B 194 4.10 19.78 5.33
CA ILE B 194 4.81 20.19 6.51
C ILE B 194 5.98 19.24 6.50
N LEU B 195 7.17 19.75 6.85
CA LEU B 195 8.40 18.96 6.88
C LEU B 195 8.47 17.95 8.05
N VAL B 196 8.74 16.65 7.84
CA VAL B 196 8.83 15.74 8.99
C VAL B 196 10.16 14.99 9.07
N ASP B 197 11.10 15.20 8.14
CA ASP B 197 12.42 14.56 8.14
C ASP B 197 13.40 15.44 7.38
N ARG B 198 14.37 16.10 8.00
CA ARG B 198 15.37 16.81 7.20
C ARG B 198 16.47 15.82 6.83
N ASN B 199 17.50 16.31 6.10
CA ASN B 199 18.64 15.57 5.55
C ASN B 199 18.66 14.07 5.81
N VAL B 200 17.77 13.43 5.04
CA VAL B 200 17.47 12.00 5.07
C VAL B 200 18.61 11.15 4.53
N LYS B 201 18.90 10.00 5.16
CA LYS B 201 19.91 9.05 4.69
C LYS B 201 19.31 7.70 4.97
N ILE B 202 19.36 6.94 3.86
CA ILE B 202 18.89 5.56 3.73
C ILE B 202 19.87 4.69 4.50
N LYS B 203 19.54 3.42 4.71
CA LYS B 203 20.46 2.60 5.48
C LYS B 203 21.65 2.14 4.67
N LYS B 204 22.50 1.33 5.27
CA LYS B 204 23.61 0.76 4.55
C LYS B 204 23.25 -0.65 4.07
N LYS B 205 22.88 -1.56 4.97
CA LYS B 205 22.46 -2.90 4.60
C LYS B 205 21.04 -3.01 5.12
N GLY B 206 20.22 -3.79 4.41
CA GLY B 206 18.81 -4.03 4.79
C GLY B 206 18.48 -5.51 4.99
N SER B 207 17.19 -5.86 4.93
CA SER B 207 16.75 -7.25 5.08
C SER B 207 15.48 -7.49 4.27
N ILE B 208 15.39 -6.82 3.12
CA ILE B 208 14.25 -6.81 2.20
C ILE B 208 14.71 -6.87 0.75
N TYR B 209 14.04 -7.61 -0.11
CA TYR B 209 14.34 -7.52 -1.51
C TYR B 209 12.94 -7.41 -2.07
N SER B 210 12.76 -6.48 -2.99
CA SER B 210 11.46 -6.17 -3.52
C SER B 210 11.50 -6.35 -5.03
N ILE B 211 10.78 -7.35 -5.56
CA ILE B 211 10.79 -7.70 -6.98
C ILE B 211 9.57 -8.59 -7.40
N ASN B 212 8.96 -8.44 -8.60
CA ASN B 212 7.79 -9.28 -8.99
C ASN B 212 8.29 -10.62 -9.51
N GLU B 213 8.31 -11.62 -8.64
CA GLU B 213 8.79 -12.94 -9.02
C GLU B 213 7.84 -13.79 -9.83
N GLY B 214 6.77 -13.21 -10.34
CA GLY B 214 5.94 -13.94 -11.27
C GLY B 214 6.78 -14.08 -12.53
N TYR B 215 7.60 -13.06 -12.80
CA TYR B 215 8.45 -13.10 -13.95
C TYR B 215 9.68 -13.96 -13.61
N ALA B 216 9.57 -15.15 -13.04
CA ALA B 216 10.71 -15.95 -12.60
C ALA B 216 11.60 -16.52 -13.69
N LYS B 217 10.90 -17.03 -14.70
CA LYS B 217 11.51 -17.64 -15.87
C LYS B 217 12.42 -16.63 -16.58
N GLU B 218 11.83 -15.55 -17.07
CA GLU B 218 12.53 -14.49 -17.78
C GLU B 218 13.60 -13.66 -17.07
N PHE B 219 14.11 -14.03 -15.89
CA PHE B 219 15.07 -13.18 -15.22
C PHE B 219 16.50 -13.50 -15.59
N ASP B 220 17.32 -12.49 -15.91
CA ASP B 220 18.71 -12.72 -16.25
C ASP B 220 19.48 -13.32 -15.06
N PRO B 221 20.29 -14.40 -15.19
CA PRO B 221 20.61 -15.33 -14.10
C PRO B 221 21.41 -14.70 -12.98
N ALA B 222 21.83 -13.45 -13.18
CA ALA B 222 22.51 -12.67 -12.17
C ALA B 222 21.51 -12.43 -11.04
N ILE B 223 20.31 -11.98 -11.44
CA ILE B 223 19.22 -11.75 -10.52
C ILE B 223 18.87 -13.11 -9.91
N THR B 224 18.59 -14.13 -10.71
CA THR B 224 18.18 -15.46 -10.22
C THR B 224 19.08 -16.07 -9.12
N GLU B 225 20.37 -15.75 -9.13
CA GLU B 225 21.24 -16.21 -8.06
C GLU B 225 20.93 -15.34 -6.87
N TYR B 226 20.90 -14.01 -7.08
CA TYR B 226 20.67 -13.03 -6.01
C TYR B 226 19.45 -13.40 -5.21
N ILE B 227 18.30 -13.66 -5.85
CA ILE B 227 17.09 -14.11 -5.16
C ILE B 227 17.38 -15.29 -4.23
N GLN B 228 18.06 -16.31 -4.73
CA GLN B 228 18.38 -17.45 -3.92
C GLN B 228 19.30 -17.03 -2.80
N ARG B 229 20.19 -16.05 -2.95
CA ARG B 229 21.08 -15.62 -1.87
C ARG B 229 20.45 -14.81 -0.75
N LYS B 230 19.25 -14.33 -1.02
CA LYS B 230 18.55 -13.64 0.02
C LYS B 230 17.57 -14.63 0.61
N LYS B 231 16.98 -15.50 -0.21
CA LYS B 231 15.99 -16.48 0.22
C LYS B 231 16.60 -17.54 1.13
N PHE B 232 17.69 -18.06 0.61
CA PHE B 232 18.47 -19.11 1.23
C PHE B 232 19.79 -18.40 1.40
N PRO B 233 20.08 -17.66 2.48
CA PRO B 233 21.39 -17.07 2.66
C PRO B 233 22.44 -18.18 2.70
N PRO B 234 23.50 -18.17 1.86
CA PRO B 234 24.55 -19.18 1.82
C PRO B 234 25.36 -19.22 3.11
N ASP B 235 25.46 -18.05 3.77
CA ASP B 235 26.18 -17.86 5.03
C ASP B 235 25.35 -17.95 6.34
N ASN B 236 24.11 -18.47 6.20
CA ASN B 236 23.11 -18.68 7.25
C ASN B 236 22.87 -17.55 8.26
N SER B 237 22.23 -16.57 7.64
CA SER B 237 21.73 -15.38 8.27
C SER B 237 20.21 -15.52 8.27
N ALA B 238 19.49 -14.41 8.37
CA ALA B 238 18.05 -14.45 8.14
C ALA B 238 17.92 -14.59 6.63
N PRO B 239 16.92 -15.32 6.09
CA PRO B 239 16.33 -15.02 4.78
C PRO B 239 15.73 -13.62 4.71
N TYR B 240 16.00 -12.88 3.65
CA TYR B 240 15.42 -11.57 3.49
C TYR B 240 13.90 -11.63 3.41
N GLY B 241 13.28 -10.51 3.72
CA GLY B 241 11.85 -10.39 3.70
C GLY B 241 11.39 -9.88 2.37
N ALA B 242 10.51 -10.64 1.74
CA ALA B 242 9.92 -10.33 0.47
C ALA B 242 8.88 -9.22 0.56
N ARG B 243 8.91 -8.18 -0.25
CA ARG B 243 7.87 -7.14 -0.24
C ARG B 243 7.68 -6.66 -1.65
N TYR B 244 6.50 -6.15 -1.97
CA TYR B 244 6.20 -5.75 -3.33
C TYR B 244 4.77 -5.26 -3.39
N VAL B 245 4.57 -3.98 -3.14
CA VAL B 245 3.24 -3.39 -3.19
C VAL B 245 2.81 -3.35 -4.63
N GLY B 246 3.79 -3.25 -5.53
CA GLY B 246 3.51 -3.35 -6.95
C GLY B 246 3.20 -2.00 -7.55
N SER B 247 3.66 -0.94 -6.94
CA SER B 247 3.46 0.40 -7.47
C SER B 247 4.82 0.97 -7.18
N MET B 248 5.46 1.48 -8.23
CA MET B 248 6.83 1.94 -8.09
C MET B 248 7.00 2.89 -6.92
N VAL B 249 6.06 3.81 -6.78
CA VAL B 249 6.17 4.82 -5.75
C VAL B 249 6.17 4.30 -4.33
N ALA B 250 5.37 3.28 -4.09
CA ALA B 250 5.31 2.69 -2.76
C ALA B 250 6.57 1.92 -2.43
N ASP B 251 7.04 1.23 -3.46
CA ASP B 251 8.22 0.42 -3.33
C ASP B 251 9.48 1.24 -3.13
N VAL B 252 9.70 2.33 -3.84
CA VAL B 252 10.84 3.19 -3.55
C VAL B 252 10.70 3.63 -2.11
N HIS B 253 9.59 4.20 -1.66
CA HIS B 253 9.47 4.63 -0.28
C HIS B 253 9.77 3.62 0.83
N ARG B 254 9.24 2.40 0.81
CA ARG B 254 9.64 1.37 1.77
C ARG B 254 11.14 1.13 1.67
N THR B 255 11.70 1.32 0.48
CA THR B 255 13.11 1.15 0.30
C THR B 255 13.84 2.39 0.83
N LEU B 256 13.44 3.62 0.56
CA LEU B 256 14.18 4.78 1.02
C LEU B 256 14.29 4.86 2.54
N VAL B 257 13.20 4.56 3.24
CA VAL B 257 13.23 4.69 4.69
C VAL B 257 13.68 3.45 5.44
N TYR B 258 13.17 2.27 5.08
CA TYR B 258 13.52 1.08 5.81
C TYR B 258 14.73 0.43 5.15
N GLY B 259 15.17 0.98 4.02
CA GLY B 259 16.22 0.31 3.27
C GLY B 259 15.63 -0.80 2.40
N GLY B 260 16.49 -1.66 1.86
CA GLY B 260 16.06 -2.73 0.98
C GLY B 260 16.57 -2.56 -0.44
N ILE B 261 16.36 -3.61 -1.24
CA ILE B 261 16.74 -3.58 -2.62
C ILE B 261 15.45 -3.82 -3.37
N PHE B 262 15.22 -2.90 -4.27
CA PHE B 262 14.10 -2.96 -5.15
C PHE B 262 14.72 -3.22 -6.51
N MET B 263 14.23 -4.26 -7.13
CA MET B 263 14.78 -4.69 -8.37
C MET B 263 13.74 -4.77 -9.43
N TYR B 264 13.77 -3.86 -10.37
CA TYR B 264 12.98 -4.15 -11.52
C TYR B 264 13.93 -4.25 -12.71
N PRO B 265 14.56 -5.42 -12.90
CA PRO B 265 15.50 -5.65 -13.98
C PRO B 265 14.72 -5.80 -15.27
N ALA B 266 15.42 -6.26 -16.30
CA ALA B 266 14.74 -6.56 -17.55
C ALA B 266 14.51 -8.05 -17.59
N ASN B 267 13.49 -8.37 -18.37
CA ASN B 267 13.09 -9.72 -18.67
C ASN B 267 13.03 -9.76 -20.21
N LYS B 268 12.35 -10.68 -20.89
CA LYS B 268 12.19 -10.60 -22.34
C LYS B 268 10.93 -9.79 -22.67
N LYS B 269 9.88 -9.92 -21.88
CA LYS B 269 8.61 -9.28 -22.19
C LYS B 269 8.62 -7.76 -22.28
N SER B 270 9.61 -7.20 -21.60
CA SER B 270 9.93 -5.80 -21.65
C SER B 270 11.45 -5.88 -21.70
N PRO B 271 12.08 -6.26 -22.83
CA PRO B 271 13.48 -6.71 -22.86
C PRO B 271 14.53 -5.64 -22.57
N LYS B 272 14.18 -4.35 -22.69
CA LYS B 272 15.07 -3.25 -22.32
C LYS B 272 14.49 -2.65 -21.01
N GLY B 273 13.77 -3.45 -20.19
CA GLY B 273 13.12 -3.00 -18.96
C GLY B 273 11.71 -2.45 -19.18
N LYS B 274 10.98 -2.11 -18.11
CA LYS B 274 9.64 -1.54 -18.24
C LYS B 274 9.56 -0.07 -17.87
N LEU B 275 10.43 0.36 -16.96
CA LEU B 275 10.30 1.68 -16.38
C LEU B 275 10.96 2.80 -17.20
N ARG B 276 10.16 3.80 -17.60
CA ARG B 276 10.58 4.83 -18.54
C ARG B 276 11.57 5.79 -17.86
N LEU B 277 12.81 5.78 -18.32
CA LEU B 277 13.93 6.49 -17.72
C LEU B 277 13.63 7.92 -17.28
N LEU B 278 13.20 8.64 -18.30
CA LEU B 278 13.00 10.07 -18.25
C LEU B 278 12.24 10.65 -17.07
N TYR B 279 11.20 9.93 -16.62
CA TYR B 279 10.44 10.41 -15.50
C TYR B 279 10.20 9.32 -14.49
N GLU B 280 10.60 8.08 -14.70
CA GLU B 280 10.38 7.10 -13.65
C GLU B 280 11.75 6.81 -13.05
N CYS B 281 12.56 5.96 -13.70
CA CYS B 281 13.83 5.54 -13.14
C CYS B 281 14.73 6.70 -12.81
N ASN B 282 14.81 7.75 -13.62
CA ASN B 282 15.71 8.82 -13.28
C ASN B 282 15.26 9.60 -12.10
N PRO B 283 14.04 10.15 -11.90
CA PRO B 283 13.69 10.93 -10.70
C PRO B 283 13.89 10.14 -9.41
N MET B 284 13.42 8.88 -9.48
CA MET B 284 13.61 7.94 -8.40
C MET B 284 15.10 7.90 -8.09
N ALA B 285 15.88 7.54 -9.11
CA ALA B 285 17.32 7.38 -9.03
C ALA B 285 18.01 8.55 -8.40
N TYR B 286 17.71 9.78 -8.81
CA TYR B 286 18.34 10.96 -8.23
C TYR B 286 18.00 11.05 -6.77
N VAL B 287 16.69 10.89 -6.43
CA VAL B 287 16.21 10.94 -5.05
C VAL B 287 17.02 9.90 -4.27
N MET B 288 16.89 8.67 -4.70
CA MET B 288 17.60 7.52 -4.23
C MET B 288 19.09 7.66 -4.00
N GLU B 289 19.89 8.05 -4.99
CA GLU B 289 21.32 8.16 -4.85
C GLU B 289 21.69 9.29 -3.92
N LYS B 290 20.94 10.39 -3.94
CA LYS B 290 21.15 11.50 -3.01
C LYS B 290 21.01 11.12 -1.53
N ALA B 291 20.51 9.91 -1.26
CA ALA B 291 20.33 9.45 0.11
C ALA B 291 21.29 8.36 0.52
N GLY B 292 22.21 7.94 -0.35
CA GLY B 292 23.14 6.89 0.02
C GLY B 292 22.81 5.52 -0.57
N GLY B 293 22.41 5.44 -1.82
CA GLY B 293 22.18 4.15 -2.44
C GLY B 293 22.36 4.29 -3.93
N LEU B 294 22.72 3.25 -4.65
CA LEU B 294 22.92 3.49 -6.05
C LEU B 294 21.82 2.92 -6.84
N ALA B 295 21.52 3.72 -7.84
CA ALA B 295 20.55 3.34 -8.83
C ALA B 295 21.27 3.00 -10.15
N THR B 296 21.30 1.70 -10.47
CA THR B 296 21.97 1.17 -11.65
C THR B 296 20.99 0.38 -12.50
N THR B 297 21.21 0.40 -13.80
CA THR B 297 20.40 -0.38 -14.74
C THR B 297 20.71 -1.86 -14.52
N GLY B 298 21.98 -2.00 -14.20
CA GLY B 298 22.61 -3.27 -14.04
C GLY B 298 24.02 -3.02 -14.56
N LYS B 299 24.17 -2.60 -15.82
CA LYS B 299 25.49 -2.37 -16.36
C LYS B 299 26.06 -1.05 -15.85
N GLU B 300 25.29 0.03 -16.07
CA GLU B 300 25.71 1.36 -15.70
C GLU B 300 24.73 2.02 -14.75
N ALA B 301 25.18 3.04 -14.02
CA ALA B 301 24.28 3.81 -13.18
C ALA B 301 23.26 4.50 -14.09
N VAL B 302 22.02 4.39 -13.62
CA VAL B 302 20.82 4.89 -14.27
C VAL B 302 20.89 6.38 -14.58
N LEU B 303 21.60 7.20 -13.79
CA LEU B 303 21.67 8.63 -14.06
C LEU B 303 22.54 9.08 -15.23
N ASP B 304 23.46 8.26 -15.77
CA ASP B 304 24.33 8.72 -16.87
C ASP B 304 23.95 8.24 -18.29
N ILE B 305 22.86 7.49 -18.52
CA ILE B 305 22.52 7.06 -19.88
C ILE B 305 21.99 8.26 -20.67
N VAL B 306 22.49 8.44 -21.90
CA VAL B 306 22.09 9.53 -22.75
C VAL B 306 20.62 9.34 -23.13
N PRO B 307 19.73 10.28 -22.77
CA PRO B 307 18.29 10.16 -22.92
C PRO B 307 17.94 10.33 -24.37
N THR B 308 17.46 9.28 -25.03
CA THR B 308 17.21 9.37 -26.47
C THR B 308 15.77 9.72 -26.84
N ASP B 309 14.84 8.85 -26.47
CA ASP B 309 13.45 9.12 -26.69
C ASP B 309 13.01 9.54 -25.31
N ILE B 310 12.15 10.54 -25.14
CA ILE B 310 11.64 10.94 -23.82
C ILE B 310 10.83 9.85 -23.16
N HIS B 311 10.51 8.86 -23.94
CA HIS B 311 9.84 7.72 -23.43
C HIS B 311 10.84 6.59 -23.51
N GLN B 312 12.14 6.85 -23.47
CA GLN B 312 13.09 5.76 -23.53
C GLN B 312 13.01 5.03 -22.19
N ARG B 313 12.84 3.72 -22.30
CA ARG B 313 12.79 2.82 -21.16
C ARG B 313 14.22 2.50 -20.76
N ALA B 314 14.37 2.01 -19.53
CA ALA B 314 15.63 1.58 -18.93
C ALA B 314 15.39 0.69 -17.68
N PRO B 315 16.11 -0.41 -17.40
CA PRO B 315 15.97 -1.19 -16.18
C PRO B 315 16.49 -0.40 -15.00
N ILE B 316 16.16 -0.85 -13.79
CA ILE B 316 16.61 -0.15 -12.62
C ILE B 316 16.58 -1.08 -11.44
N ILE B 317 17.66 -1.02 -10.66
CA ILE B 317 17.80 -1.70 -9.38
C ILE B 317 18.25 -0.64 -8.39
N LEU B 318 17.66 -0.57 -7.18
CA LEU B 318 18.05 0.45 -6.22
C LEU B 318 17.97 0.10 -4.73
N GLY B 319 18.46 1.10 -3.99
CA GLY B 319 18.43 1.09 -2.55
C GLY B 319 19.81 1.22 -1.93
N SER B 320 19.85 0.96 -0.63
CA SER B 320 21.06 0.98 0.17
C SER B 320 22.19 0.15 -0.42
N PRO B 321 23.37 0.77 -0.37
CA PRO B 321 24.44 0.49 -1.29
C PRO B 321 24.90 -0.94 -1.18
N GLU B 322 25.18 -1.49 0.02
CA GLU B 322 25.72 -2.85 0.16
C GLU B 322 24.88 -3.94 -0.53
N ASP B 323 23.63 -3.63 -0.81
CA ASP B 323 22.80 -4.57 -1.50
C ASP B 323 22.88 -4.32 -2.98
N VAL B 324 22.80 -3.07 -3.41
CA VAL B 324 22.99 -2.72 -4.82
C VAL B 324 24.31 -3.36 -5.30
N THR B 325 25.37 -3.19 -4.52
CA THR B 325 26.68 -3.76 -4.76
C THR B 325 26.76 -5.29 -4.59
N GLU B 326 26.25 -5.93 -3.51
CA GLU B 326 26.25 -7.38 -3.36
C GLU B 326 25.70 -8.07 -4.60
N LEU B 327 24.81 -7.38 -5.30
CA LEU B 327 24.36 -7.83 -6.60
C LEU B 327 25.32 -7.33 -7.70
N LEU B 328 25.68 -6.05 -7.80
CA LEU B 328 26.52 -5.49 -8.88
C LEU B 328 27.74 -6.31 -9.29
N GLU B 329 28.47 -6.77 -8.28
CA GLU B 329 29.65 -7.58 -8.55
C GLU B 329 29.26 -8.89 -9.21
N ILE B 330 28.14 -9.52 -8.83
CA ILE B 330 27.70 -10.72 -9.50
C ILE B 330 27.22 -10.32 -10.89
N TYR B 331 26.67 -9.12 -11.15
CA TYR B 331 26.34 -8.74 -12.52
C TYR B 331 27.62 -8.59 -13.34
N GLN B 332 28.70 -8.17 -12.68
CA GLN B 332 30.01 -8.12 -13.31
C GLN B 332 30.68 -9.51 -13.42
N LYS B 333 30.20 -10.49 -12.68
CA LYS B 333 30.72 -11.85 -12.65
C LYS B 333 29.94 -12.77 -13.62
N HIS B 334 29.21 -12.24 -14.60
CA HIS B 334 28.38 -13.07 -15.48
C HIS B 334 28.36 -12.68 -16.95
N ALA B 335 29.02 -11.57 -17.22
CA ALA B 335 29.13 -11.08 -18.57
C ALA B 335 30.46 -11.56 -19.21
#